data_6IYB
#
_entry.id   6IYB
#
_cell.length_a   55.136
_cell.length_b   117.222
_cell.length_c   130.476
_cell.angle_alpha   90.00
_cell.angle_beta   90.00
_cell.angle_gamma   90.00
#
_symmetry.space_group_name_H-M   'P 21 21 21'
#
loop_
_entity.id
_entity.type
_entity.pdbx_description
1 polymer 'Ras-related protein Rab-7a'
2 polymer 'Oxysterol-binding protein-related protein 1'
3 non-polymer 'MAGNESIUM ION'
4 non-polymer "GUANOSINE-5'-TRIPHOSPHATE"
5 water water
#
loop_
_entity_poly.entity_id
_entity_poly.type
_entity_poly.pdbx_seq_one_letter_code
_entity_poly.pdbx_strand_id
1 'polypeptide(L)'
;GSAMGSTSRKKVLLKVIILGDSGVGKTSLMNQYVNKKFSNQYKATIGADFLTKEVMVDDRLVTMQIWDTAGLERFQSGVA
FYRGADCCVLVFDVTAPNTFKTLDSWRDEFLIQASPRDPENFPFVVLGNKIDLENRQVATKRAQAWCYSKNNIPYFETSA
KEAINVEQAFQTIARNALKQETEVELYNEFPEPIKLDKN
;
A,C
2 'polypeptide(L)'
;GSAMGSAEQQLLHHARNGNAEEVRQLLETMARNEVIADINCKGRSKSNLGWTPLHLACYFGHRQVVQDLLKAGAEVNVLN
DMGDTPLHRAAFTGRKELVMLLLEYNADTTIVNGSGQTAKEVTHAEEIRSMLEAVERTQQRKLEELLLAAAREG
;
B,D
#
# COMPACT_ATOMS: atom_id res chain seq x y z
N VAL A 12 -4.07 -3.05 -31.93
CA VAL A 12 -2.96 -2.49 -31.13
C VAL A 12 -3.47 -1.45 -30.12
N LEU A 13 -3.55 -1.87 -28.86
CA LEU A 13 -4.01 -1.01 -27.77
C LEU A 13 -2.79 -0.51 -27.00
N LEU A 14 -2.67 0.82 -26.89
CA LEU A 14 -1.59 1.48 -26.19
C LEU A 14 -2.14 2.13 -24.93
N LYS A 15 -1.49 1.89 -23.80
CA LYS A 15 -1.97 2.39 -22.51
C LYS A 15 -1.04 3.50 -22.06
N VAL A 16 -1.61 4.69 -21.89
CA VAL A 16 -0.85 5.88 -21.56
C VAL A 16 -1.40 6.44 -20.25
N ILE A 17 -0.52 6.73 -19.29
CA ILE A 17 -0.93 7.31 -18.00
C ILE A 17 -0.51 8.77 -17.95
N ILE A 18 -1.39 9.64 -17.50
CA ILE A 18 -1.03 11.05 -17.31
C ILE A 18 -0.97 11.34 -15.82
N LEU A 19 0.22 11.75 -15.35
CA LEU A 19 0.46 12.02 -13.93
C LEU A 19 0.89 13.47 -13.76
N GLY A 20 0.70 13.99 -12.55
CA GLY A 20 1.12 15.32 -12.20
C GLY A 20 0.25 15.91 -11.11
N ASP A 21 0.76 17.02 -10.54
CA ASP A 21 0.09 17.64 -9.40
C ASP A 21 -1.26 18.22 -9.81
N SER A 22 -2.06 18.53 -8.80
CA SER A 22 -3.39 19.05 -9.05
C SER A 22 -3.31 20.42 -9.75
N GLY A 23 -4.17 20.61 -10.74
CA GLY A 23 -4.28 21.88 -11.41
C GLY A 23 -3.27 22.17 -12.49
N VAL A 24 -2.38 21.25 -12.84
CA VAL A 24 -1.36 21.56 -13.84
C VAL A 24 -1.91 21.52 -15.26
N GLY A 25 -3.06 20.91 -15.45
CA GLY A 25 -3.75 20.87 -16.72
C GLY A 25 -3.85 19.48 -17.37
N LYS A 26 -3.78 18.40 -16.58
CA LYS A 26 -3.85 17.05 -17.14
C LYS A 26 -5.16 16.82 -17.90
N THR A 27 -6.28 17.11 -17.27
CA THR A 27 -7.59 16.86 -17.89
C THR A 27 -7.79 17.76 -19.09
N SER A 28 -7.31 19.01 -18.99
CA SER A 28 -7.43 19.98 -20.06
C SER A 28 -6.60 19.57 -21.28
N LEU A 29 -5.39 19.04 -21.05
CA LEU A 29 -4.59 18.56 -22.19
C LEU A 29 -5.27 17.39 -22.87
N MET A 30 -5.81 16.46 -22.08
CA MET A 30 -6.53 15.33 -22.65
C MET A 30 -7.79 15.77 -23.40
N ASN A 31 -8.56 16.69 -22.82
CA ASN A 31 -9.79 17.12 -23.49
C ASN A 31 -9.49 17.93 -24.75
N GLN A 32 -8.41 18.72 -24.73
CA GLN A 32 -8.01 19.45 -25.92
C GLN A 32 -7.60 18.49 -27.03
N TYR A 33 -6.81 17.47 -26.69
CA TYR A 33 -6.38 16.49 -27.66
C TYR A 33 -7.57 15.70 -28.22
N VAL A 34 -8.48 15.24 -27.35
CA VAL A 34 -9.49 14.28 -27.78
C VAL A 34 -10.69 14.98 -28.41
N ASN A 35 -11.15 16.09 -27.82
CA ASN A 35 -12.37 16.76 -28.24
C ASN A 35 -12.13 18.19 -28.68
N LYS A 36 -10.88 18.66 -28.74
CA LYS A 36 -10.62 20.04 -29.18
C LYS A 36 -11.40 21.04 -28.35
N LYS A 37 -11.58 20.75 -27.05
CA LYS A 37 -12.35 21.63 -26.19
C LYS A 37 -11.52 22.02 -24.99
N PHE A 38 -11.84 23.19 -24.42
CA PHE A 38 -11.12 23.68 -23.26
C PHE A 38 -12.10 24.47 -22.40
N SER A 39 -11.97 24.33 -21.09
CA SER A 39 -12.80 25.09 -20.17
C SER A 39 -11.92 25.83 -19.16
N ASN A 40 -12.20 27.12 -19.00
CA ASN A 40 -11.57 27.91 -17.96
C ASN A 40 -11.99 27.47 -16.56
N GLN A 41 -13.19 26.90 -16.42
CA GLN A 41 -13.64 26.43 -15.11
C GLN A 41 -12.83 25.22 -14.69
N TYR A 42 -12.59 25.11 -13.39
CA TYR A 42 -11.83 24.00 -12.84
C TYR A 42 -12.77 22.98 -12.23
N LYS A 43 -12.64 21.73 -12.65
CA LYS A 43 -13.34 20.64 -11.97
C LYS A 43 -12.33 19.53 -11.71
N ALA A 44 -12.02 19.31 -10.44
CA ALA A 44 -10.98 18.36 -10.06
C ALA A 44 -11.35 16.92 -10.46
N THR A 45 -10.35 16.18 -10.91
CA THR A 45 -10.54 14.79 -11.26
C THR A 45 -10.55 13.93 -9.98
N ILE A 46 -11.43 12.94 -9.95
CA ILE A 46 -11.50 11.99 -8.85
C ILE A 46 -11.01 10.64 -9.35
N GLY A 47 -10.03 10.08 -8.65
CA GLY A 47 -9.62 8.73 -8.93
C GLY A 47 -8.88 8.67 -10.25
N ALA A 48 -9.12 7.59 -11.00
CA ALA A 48 -8.43 7.37 -12.26
C ALA A 48 -9.41 6.67 -13.20
N ASP A 49 -9.51 7.17 -14.41
CA ASP A 49 -10.36 6.60 -15.43
C ASP A 49 -9.73 6.93 -16.76
N PHE A 50 -10.27 6.35 -17.83
CA PHE A 50 -9.63 6.50 -19.13
C PHE A 50 -10.67 6.80 -20.19
N LEU A 51 -10.20 7.36 -21.29
CA LEU A 51 -10.92 7.23 -22.54
C LEU A 51 -9.98 6.63 -23.58
N THR A 52 -10.56 6.25 -24.72
CA THR A 52 -9.78 5.65 -25.80
C THR A 52 -9.89 6.53 -27.02
N LYS A 53 -8.78 6.69 -27.73
CA LYS A 53 -8.77 7.54 -28.92
C LYS A 53 -7.95 6.86 -30.01
N GLU A 54 -8.49 6.85 -31.22
CA GLU A 54 -7.77 6.37 -32.38
C GLU A 54 -6.77 7.42 -32.84
N VAL A 55 -5.52 7.03 -33.07
CA VAL A 55 -4.48 7.95 -33.48
C VAL A 55 -3.65 7.30 -34.58
N MET A 56 -3.14 8.14 -35.49
CA MET A 56 -2.27 7.68 -36.56
C MET A 56 -0.82 7.85 -36.13
N VAL A 57 -0.07 6.74 -36.11
CA VAL A 57 1.37 6.76 -35.86
C VAL A 57 2.04 6.37 -37.16
N ASP A 58 2.74 7.32 -37.77
CA ASP A 58 3.20 7.17 -39.15
C ASP A 58 1.98 6.79 -39.99
N ASP A 59 1.94 5.55 -40.47
CA ASP A 59 0.82 5.13 -41.29
C ASP A 59 0.03 3.98 -40.67
N ARG A 60 0.24 3.69 -39.38
CA ARG A 60 -0.59 2.73 -38.67
C ARG A 60 -1.61 3.44 -37.79
N LEU A 61 -2.83 2.96 -37.82
CA LEU A 61 -3.86 3.45 -36.92
C LEU A 61 -3.81 2.61 -35.65
N VAL A 62 -3.65 3.27 -34.51
CA VAL A 62 -3.60 2.59 -33.22
C VAL A 62 -4.68 3.19 -32.31
N THR A 63 -4.93 2.51 -31.20
CA THR A 63 -5.87 2.97 -30.19
C THR A 63 -5.08 3.29 -28.92
N MET A 64 -5.18 4.53 -28.48
CA MET A 64 -4.55 4.95 -27.22
C MET A 64 -5.61 4.95 -26.13
N GLN A 65 -5.35 4.19 -25.08
CA GLN A 65 -6.14 4.27 -23.85
C GLN A 65 -5.44 5.27 -22.92
N ILE A 66 -6.05 6.44 -22.72
CA ILE A 66 -5.44 7.56 -22.00
C ILE A 66 -6.06 7.63 -20.61
N TRP A 67 -5.25 7.40 -19.58
CA TRP A 67 -5.74 7.48 -18.21
C TRP A 67 -5.48 8.86 -17.63
N ASP A 68 -6.55 9.52 -17.21
CA ASP A 68 -6.53 10.79 -16.49
C ASP A 68 -6.64 10.50 -14.99
N THR A 69 -5.85 11.20 -14.17
CA THR A 69 -5.67 10.84 -12.77
C THR A 69 -5.89 12.05 -11.88
N ALA A 70 -6.23 11.78 -10.62
CA ALA A 70 -6.41 12.83 -9.62
C ALA A 70 -5.05 13.34 -9.14
N GLY A 71 -4.87 14.66 -9.26
CA GLY A 71 -3.73 15.32 -8.62
C GLY A 71 -3.91 15.58 -7.13
N LEU A 72 -5.15 15.79 -6.67
CA LEU A 72 -5.41 16.05 -5.25
C LEU A 72 -5.32 14.76 -4.47
N GLU A 73 -4.52 14.77 -3.39
CA GLU A 73 -4.32 13.55 -2.60
C GLU A 73 -5.63 12.98 -2.07
N ARG A 74 -6.58 13.83 -1.71
CA ARG A 74 -7.82 13.28 -1.13
C ARG A 74 -8.64 12.46 -2.12
N PHE A 75 -8.42 12.66 -3.43
CA PHE A 75 -9.12 11.94 -4.50
C PHE A 75 -8.27 10.88 -5.18
N GLN A 76 -7.04 10.68 -4.71
CA GLN A 76 -6.20 9.62 -5.24
C GLN A 76 -6.57 8.29 -4.62
N SER A 77 -6.63 7.25 -5.45
CA SER A 77 -6.90 5.89 -5.04
C SER A 77 -5.62 5.07 -5.24
N GLY A 78 -5.76 3.82 -5.56
CA GLY A 78 -4.55 3.00 -5.66
C GLY A 78 -3.84 3.16 -7.00
N VAL A 79 -2.63 2.61 -7.11
CA VAL A 79 -1.88 2.75 -8.36
C VAL A 79 -1.80 1.43 -9.12
N ALA A 80 -2.72 0.51 -8.81
CA ALA A 80 -2.74 -0.77 -9.51
C ALA A 80 -2.93 -0.59 -11.01
N PHE A 81 -3.67 0.44 -11.41
CA PHE A 81 -3.90 0.68 -12.83
C PHE A 81 -2.63 1.08 -13.58
N TYR A 82 -1.52 1.39 -12.88
CA TYR A 82 -0.27 1.68 -13.57
C TYR A 82 0.24 0.50 -14.38
N ARG A 83 -0.03 -0.74 -13.94
CA ARG A 83 0.55 -1.90 -14.60
C ARG A 83 0.08 -2.00 -16.03
N GLY A 84 1.02 -2.37 -16.89
CA GLY A 84 0.68 -2.46 -18.28
C GLY A 84 0.89 -1.20 -19.08
N ALA A 85 1.17 -0.07 -18.44
CA ALA A 85 1.31 1.19 -19.19
C ALA A 85 2.43 1.06 -20.22
N ASP A 86 2.19 1.60 -21.41
CA ASP A 86 3.20 1.69 -22.46
C ASP A 86 3.94 3.02 -22.48
N CYS A 87 3.43 4.04 -21.80
CA CYS A 87 4.08 5.35 -21.71
C CYS A 87 3.48 6.10 -20.53
N CYS A 88 4.31 6.91 -19.88
CA CYS A 88 3.87 7.74 -18.76
C CYS A 88 4.15 9.20 -19.09
N VAL A 89 3.12 10.03 -19.00
CA VAL A 89 3.22 11.45 -19.30
C VAL A 89 3.30 12.21 -17.98
N LEU A 90 4.32 13.05 -17.82
CA LEU A 90 4.48 13.86 -16.61
C LEU A 90 4.17 15.31 -16.95
N VAL A 91 3.15 15.87 -16.31
CA VAL A 91 2.72 17.25 -16.58
C VAL A 91 3.05 18.13 -15.38
N PHE A 92 3.61 19.32 -15.64
CA PHE A 92 3.72 20.37 -14.62
C PHE A 92 3.24 21.70 -15.23
N ASP A 93 3.11 22.72 -14.38
CA ASP A 93 2.63 24.05 -14.75
C ASP A 93 3.85 24.97 -14.69
N VAL A 94 4.19 25.61 -15.82
CA VAL A 94 5.41 26.42 -15.84
C VAL A 94 5.33 27.65 -14.94
N THR A 95 4.12 28.03 -14.49
CA THR A 95 3.98 29.13 -13.54
C THR A 95 3.94 28.64 -12.09
N ALA A 96 4.04 27.34 -11.83
CA ALA A 96 3.97 26.80 -10.47
C ALA A 96 5.19 25.91 -10.25
N PRO A 97 6.30 26.48 -9.76
CA PRO A 97 7.57 25.75 -9.77
C PRO A 97 7.56 24.50 -8.91
N ASN A 98 6.76 24.44 -7.85
CA ASN A 98 6.70 23.22 -7.07
C ASN A 98 6.12 22.04 -7.86
N THR A 99 5.27 22.30 -8.87
CA THR A 99 4.75 21.21 -9.67
C THR A 99 5.83 20.61 -10.56
N PHE A 100 6.84 21.39 -10.92
CA PHE A 100 8.04 20.81 -11.54
C PHE A 100 8.87 20.02 -10.53
N LYS A 101 8.98 20.52 -9.30
CA LYS A 101 9.82 19.82 -8.32
C LYS A 101 9.26 18.44 -7.96
N THR A 102 7.94 18.25 -8.05
CA THR A 102 7.43 16.94 -7.71
C THR A 102 7.68 15.89 -8.80
N LEU A 103 8.24 16.26 -9.96
CA LEU A 103 8.30 15.33 -11.09
C LEU A 103 9.15 14.09 -10.76
N ASP A 104 10.23 14.27 -10.00
CA ASP A 104 11.09 13.15 -9.62
C ASP A 104 10.31 12.10 -8.85
N SER A 105 9.45 12.52 -7.92
CA SER A 105 8.75 11.53 -7.15
C SER A 105 7.61 10.90 -7.95
N TRP A 106 6.97 11.66 -8.86
CA TRP A 106 5.98 11.05 -9.76
C TRP A 106 6.61 9.96 -10.60
N ARG A 107 7.78 10.26 -11.18
CA ARG A 107 8.44 9.28 -12.02
C ARG A 107 8.89 8.07 -11.21
N ASP A 108 9.47 8.31 -10.03
CA ASP A 108 9.97 7.23 -9.18
C ASP A 108 8.85 6.30 -8.72
N GLU A 109 7.73 6.88 -8.29
CA GLU A 109 6.59 6.06 -7.90
C GLU A 109 6.04 5.27 -9.08
N PHE A 110 6.02 5.87 -10.27
CA PHE A 110 5.58 5.08 -11.43
C PHE A 110 6.50 3.88 -11.65
N LEU A 111 7.82 4.10 -11.60
CA LEU A 111 8.75 3.02 -11.91
C LEU A 111 8.63 1.86 -10.92
N ILE A 112 8.52 2.16 -9.62
CA ILE A 112 8.49 1.04 -8.70
C ILE A 112 7.11 0.40 -8.66
N GLN A 113 6.05 1.17 -8.87
CA GLN A 113 4.71 0.58 -8.82
C GLN A 113 4.33 -0.09 -10.14
N ALA A 114 4.67 0.51 -11.29
CA ALA A 114 4.37 -0.17 -12.55
C ALA A 114 5.37 -1.28 -12.82
N SER A 115 6.60 -1.13 -12.36
CA SER A 115 7.64 -2.16 -12.48
C SER A 115 7.88 -2.62 -13.92
N PRO A 116 8.24 -1.70 -14.83
CA PRO A 116 8.69 -2.14 -16.15
C PRO A 116 9.95 -3.00 -15.99
N ARG A 117 10.13 -3.92 -16.94
CA ARG A 117 11.31 -4.77 -16.97
C ARG A 117 12.59 -3.98 -17.24
N ASP A 118 12.49 -2.88 -17.98
CA ASP A 118 13.66 -2.08 -18.37
C ASP A 118 13.38 -0.65 -17.90
N PRO A 119 13.60 -0.37 -16.61
CA PRO A 119 13.18 0.95 -16.09
C PRO A 119 13.96 2.09 -16.69
N GLU A 120 15.24 1.89 -17.01
CA GLU A 120 16.04 2.97 -17.58
C GLU A 120 15.57 3.39 -18.97
N ASN A 121 14.90 2.51 -19.72
CA ASN A 121 14.41 2.88 -21.05
C ASN A 121 12.89 3.03 -21.14
N PHE A 122 12.15 2.86 -20.06
CA PHE A 122 10.69 3.00 -20.17
C PHE A 122 10.35 4.42 -20.62
N PRO A 123 9.40 4.58 -21.54
CA PRO A 123 9.15 5.90 -22.16
C PRO A 123 8.36 6.83 -21.24
N PHE A 124 8.99 7.94 -20.85
CA PHE A 124 8.32 9.07 -20.25
C PHE A 124 8.23 10.20 -21.28
N VAL A 125 7.20 11.04 -21.15
CA VAL A 125 7.15 12.32 -21.84
C VAL A 125 6.76 13.41 -20.85
N VAL A 126 7.47 14.53 -20.87
CA VAL A 126 7.21 15.63 -19.93
C VAL A 126 6.59 16.78 -20.68
N LEU A 127 5.45 17.27 -20.19
CA LEU A 127 4.78 18.45 -20.72
C LEU A 127 4.84 19.57 -19.69
N GLY A 128 5.47 20.68 -20.08
CA GLY A 128 5.39 21.90 -19.31
C GLY A 128 4.24 22.76 -19.82
N ASN A 129 3.14 22.80 -19.09
CA ASN A 129 1.89 23.34 -19.57
C ASN A 129 1.68 24.77 -19.07
N LYS A 130 0.74 25.47 -19.74
CA LYS A 130 0.32 26.86 -19.41
C LYS A 130 1.35 27.91 -19.88
N ILE A 131 2.02 27.63 -20.99
CA ILE A 131 2.95 28.61 -21.54
C ILE A 131 2.25 29.87 -22.04
N ASP A 132 0.91 29.88 -22.09
CA ASP A 132 0.21 31.10 -22.46
C ASP A 132 0.09 32.10 -21.31
N LEU A 133 0.40 31.71 -20.09
CA LEU A 133 0.21 32.60 -18.96
C LEU A 133 1.41 33.49 -18.74
N GLU A 134 1.16 34.66 -18.17
CA GLU A 134 2.24 35.47 -17.61
C GLU A 134 2.81 34.80 -16.35
N ASN A 135 3.96 35.32 -15.87
CA ASN A 135 4.55 34.94 -14.58
C ASN A 135 5.15 33.54 -14.61
N ARG A 136 5.76 33.18 -15.73
CA ARG A 136 6.41 31.90 -15.83
C ARG A 136 7.53 31.81 -14.78
N GLN A 137 7.65 30.65 -14.15
CA GLN A 137 8.65 30.42 -13.12
C GLN A 137 9.68 29.34 -13.44
N VAL A 138 9.33 28.32 -14.24
CA VAL A 138 10.27 27.23 -14.55
C VAL A 138 10.89 27.54 -15.91
N ALA A 139 12.22 27.67 -15.94
CA ALA A 139 12.93 27.95 -17.18
C ALA A 139 12.94 26.74 -18.10
N THR A 140 12.76 27.00 -19.41
CA THR A 140 12.87 25.94 -20.41
C THR A 140 14.16 25.13 -20.25
N LYS A 141 15.31 25.81 -20.05
CA LYS A 141 16.59 25.09 -19.97
C LYS A 141 16.63 24.19 -18.75
N ARG A 142 16.06 24.64 -17.64
CA ARG A 142 16.03 23.80 -16.45
C ARG A 142 15.23 22.53 -16.69
N ALA A 143 14.04 22.66 -17.27
CA ALA A 143 13.22 21.47 -17.54
C ALA A 143 13.90 20.54 -18.53
N GLN A 144 14.51 21.10 -19.59
CA GLN A 144 15.20 20.29 -20.59
C GLN A 144 16.38 19.53 -20.00
N ALA A 145 17.13 20.18 -19.11
CA ALA A 145 18.31 19.51 -18.52
C ALA A 145 17.87 18.34 -17.64
N TRP A 146 16.82 18.51 -16.83
CA TRP A 146 16.30 17.39 -16.05
C TRP A 146 15.83 16.25 -16.96
N CYS A 147 15.03 16.58 -17.98
CA CYS A 147 14.57 15.57 -18.92
C CYS A 147 15.74 14.84 -19.57
N TYR A 148 16.75 15.60 -20.01
CA TYR A 148 17.87 14.91 -20.65
C TYR A 148 18.64 14.04 -19.66
N SER A 149 18.71 14.45 -18.40
CA SER A 149 19.41 13.64 -17.42
C SER A 149 18.68 12.35 -17.11
N LYS A 150 17.40 12.22 -17.46
CA LYS A 150 16.73 10.95 -17.20
C LYS A 150 16.67 10.09 -18.46
N ASN A 151 17.80 9.95 -19.15
CA ASN A 151 17.91 9.17 -20.38
C ASN A 151 17.06 9.78 -21.50
N ASN A 152 17.13 11.10 -21.63
CA ASN A 152 16.55 11.83 -22.77
C ASN A 152 15.03 11.67 -22.85
N ILE A 153 14.35 11.99 -21.74
CA ILE A 153 12.88 12.12 -21.81
C ILE A 153 12.53 13.25 -22.78
N PRO A 154 11.68 13.00 -23.78
CA PRO A 154 11.23 14.10 -24.64
C PRO A 154 10.42 15.11 -23.84
N TYR A 155 10.69 16.40 -24.11
CA TYR A 155 10.09 17.51 -23.38
C TYR A 155 9.31 18.37 -24.36
N PHE A 156 8.05 18.67 -24.03
CA PHE A 156 7.21 19.57 -24.80
C PHE A 156 6.67 20.68 -23.91
N GLU A 157 6.68 21.90 -24.41
CA GLU A 157 5.94 23.02 -23.81
C GLU A 157 4.60 23.18 -24.51
N THR A 158 3.53 23.28 -23.72
CA THR A 158 2.19 23.18 -24.24
C THR A 158 1.32 24.27 -23.64
N SER A 159 0.26 24.60 -24.36
CA SER A 159 -0.89 25.30 -23.79
C SER A 159 -2.13 24.51 -24.17
N ALA A 160 -2.80 23.90 -23.19
CA ALA A 160 -4.11 23.31 -23.45
C ALA A 160 -5.12 24.36 -23.87
N LYS A 161 -4.98 25.57 -23.35
CA LYS A 161 -5.98 26.59 -23.63
C LYS A 161 -5.88 27.07 -25.07
N GLU A 162 -4.66 27.32 -25.54
CA GLU A 162 -4.44 27.83 -26.88
C GLU A 162 -4.14 26.71 -27.88
N ALA A 163 -4.12 25.45 -27.44
CA ALA A 163 -3.82 24.30 -28.29
C ALA A 163 -2.46 24.47 -28.99
N ILE A 164 -1.44 24.69 -28.17
CA ILE A 164 -0.06 24.83 -28.65
C ILE A 164 0.70 23.56 -28.30
N ASN A 165 1.22 22.90 -29.33
CA ASN A 165 2.03 21.70 -29.22
C ASN A 165 1.31 20.52 -28.57
N VAL A 166 -0.01 20.56 -28.44
CA VAL A 166 -0.71 19.41 -27.87
C VAL A 166 -0.65 18.21 -28.82
N GLU A 167 -0.98 18.43 -30.10
CA GLU A 167 -0.96 17.34 -31.08
C GLU A 167 0.45 16.83 -31.29
N GLN A 168 1.42 17.73 -31.37
CA GLN A 168 2.81 17.32 -31.49
C GLN A 168 3.23 16.44 -30.31
N ALA A 169 2.86 16.84 -29.08
CA ALA A 169 3.24 16.05 -27.91
C ALA A 169 2.64 14.65 -27.99
N PHE A 170 1.34 14.57 -28.25
CA PHE A 170 0.69 13.27 -28.24
C PHE A 170 1.12 12.40 -29.42
N GLN A 171 1.68 13.00 -30.48
CA GLN A 171 2.25 12.20 -31.57
C GLN A 171 3.51 11.47 -31.12
N THR A 172 4.39 12.16 -30.39
CA THR A 172 5.55 11.50 -29.80
C THR A 172 5.14 10.51 -28.72
N ILE A 173 4.14 10.86 -27.91
CA ILE A 173 3.62 9.92 -26.91
C ILE A 173 3.17 8.63 -27.59
N ALA A 174 2.36 8.75 -28.65
CA ALA A 174 1.85 7.57 -29.34
C ALA A 174 2.97 6.77 -30.00
N ARG A 175 3.90 7.45 -30.67
CA ARG A 175 5.02 6.78 -31.32
C ARG A 175 5.89 6.02 -30.31
N ASN A 176 6.16 6.64 -29.15
CA ASN A 176 7.02 5.98 -28.18
C ASN A 176 6.30 4.86 -27.44
N ALA A 177 5.00 5.03 -27.18
CA ALA A 177 4.19 3.96 -26.61
C ALA A 177 4.09 2.77 -27.56
N LEU A 178 3.95 3.03 -28.86
CA LEU A 178 3.86 1.95 -29.84
C LEU A 178 5.16 1.15 -29.88
N LYS A 179 6.30 1.85 -29.93
CA LYS A 179 7.60 1.20 -29.88
C LYS A 179 7.73 0.38 -28.59
N GLN A 180 7.31 0.94 -27.46
CA GLN A 180 7.42 0.25 -26.18
C GLN A 180 6.51 -0.98 -26.15
N GLU A 181 5.30 -0.83 -26.65
CA GLU A 181 4.37 -1.95 -26.67
C GLU A 181 4.88 -3.08 -27.54
N THR A 182 5.60 -2.74 -28.62
CA THR A 182 6.14 -3.75 -29.53
C THR A 182 7.58 -4.09 -29.19
N SER B 6 17.43 12.68 7.33
CA SER B 6 17.41 11.42 8.07
C SER B 6 18.35 10.43 7.41
N ALA B 7 19.07 9.65 8.22
CA ALA B 7 20.10 8.77 7.67
C ALA B 7 19.51 7.65 6.85
N GLU B 8 18.33 7.18 7.21
CA GLU B 8 17.67 6.12 6.44
C GLU B 8 17.05 6.68 5.16
N GLN B 9 16.44 7.87 5.22
CA GLN B 9 15.96 8.50 3.99
C GLN B 9 17.13 8.78 3.05
N GLN B 10 18.28 9.16 3.59
CA GLN B 10 19.47 9.32 2.78
C GLN B 10 19.89 8.00 2.16
N LEU B 11 19.83 6.92 2.94
CA LEU B 11 20.26 5.61 2.45
C LEU B 11 19.38 5.15 1.30
N LEU B 12 18.06 5.31 1.44
CA LEU B 12 17.13 4.92 0.39
C LEU B 12 17.29 5.79 -0.85
N HIS B 13 17.56 7.09 -0.65
CA HIS B 13 17.75 7.97 -1.80
C HIS B 13 19.00 7.60 -2.58
N HIS B 14 20.12 7.42 -1.89
CA HIS B 14 21.37 7.17 -2.58
C HIS B 14 21.44 5.77 -3.16
N ALA B 15 20.77 4.80 -2.54
CA ALA B 15 20.74 3.45 -3.10
C ALA B 15 19.92 3.42 -4.37
N ARG B 16 18.75 4.07 -4.38
CA ARG B 16 17.93 4.10 -5.59
C ARG B 16 18.64 4.82 -6.72
N ASN B 17 19.38 5.88 -6.43
CA ASN B 17 20.02 6.66 -7.48
C ASN B 17 21.43 6.20 -7.79
N GLY B 18 21.93 5.15 -7.13
CA GLY B 18 23.25 4.60 -7.43
C GLY B 18 24.43 5.51 -7.11
N ASN B 19 24.31 6.31 -6.05
CA ASN B 19 25.42 7.18 -5.61
C ASN B 19 26.28 6.37 -4.64
N ALA B 20 27.23 5.63 -5.21
CA ALA B 20 27.95 4.60 -4.45
C ALA B 20 28.75 5.19 -3.30
N GLU B 21 29.45 6.29 -3.55
CA GLU B 21 30.28 6.90 -2.50
C GLU B 21 29.44 7.36 -1.32
N GLU B 22 28.34 8.08 -1.57
CA GLU B 22 27.47 8.50 -0.48
C GLU B 22 26.89 7.32 0.25
N VAL B 23 26.64 6.20 -0.45
CA VAL B 23 26.20 4.99 0.21
C VAL B 23 27.30 4.45 1.12
N ARG B 24 28.52 4.35 0.59
CA ARG B 24 29.65 3.87 1.38
C ARG B 24 29.90 4.75 2.59
N GLN B 25 29.89 6.08 2.40
CA GLN B 25 30.04 6.98 3.53
C GLN B 25 28.93 6.77 4.54
N LEU B 26 27.71 6.51 4.07
CA LEU B 26 26.59 6.29 4.97
C LEU B 26 26.76 5.02 5.78
N LEU B 27 27.32 3.97 5.18
CA LEU B 27 27.44 2.68 5.86
C LEU B 27 28.62 2.64 6.84
N GLU B 28 29.79 3.12 6.40
CA GLU B 28 30.95 3.21 7.29
C GLU B 28 30.65 4.08 8.50
N THR B 29 29.73 5.02 8.37
CA THR B 29 29.29 5.85 9.49
C THR B 29 28.30 5.13 10.38
N MET B 30 27.40 4.34 9.77
CA MET B 30 26.52 3.48 10.58
C MET B 30 27.31 2.41 11.30
N ALA B 31 28.39 1.93 10.70
CA ALA B 31 29.18 0.86 11.32
C ALA B 31 29.74 1.29 12.65
N ARG B 32 29.92 2.60 12.85
CA ARG B 32 30.54 3.16 14.05
C ARG B 32 29.49 3.77 14.98
N ASN B 33 28.20 3.49 14.74
CA ASN B 33 27.12 3.98 15.63
C ASN B 33 27.08 5.51 15.71
N GLU B 34 27.69 6.22 14.75
CA GLU B 34 27.55 7.68 14.74
C GLU B 34 26.12 8.11 14.42
N VAL B 35 25.35 7.24 13.76
CA VAL B 35 23.98 7.56 13.38
C VAL B 35 23.10 6.35 13.69
N ILE B 36 21.85 6.64 14.04
CA ILE B 36 20.80 5.63 14.12
C ILE B 36 20.34 5.36 12.69
N ALA B 37 20.61 4.16 12.19
CA ALA B 37 20.20 3.83 10.82
C ALA B 37 20.11 2.32 10.66
N ASP B 38 18.94 1.86 10.24
CA ASP B 38 18.69 0.46 9.94
C ASP B 38 19.03 0.19 8.47
N ILE B 39 20.03 -0.67 8.23
CA ILE B 39 20.43 -1.00 6.86
C ILE B 39 19.32 -1.70 6.09
N ASN B 40 18.34 -2.27 6.78
CA ASN B 40 17.20 -2.94 6.16
C ASN B 40 15.93 -2.11 6.25
N CYS B 41 16.06 -0.80 6.41
CA CYS B 41 14.90 0.08 6.50
C CYS B 41 14.07 -0.01 5.21
N LYS B 42 12.77 0.18 5.35
CA LYS B 42 11.88 0.24 4.20
C LYS B 42 11.39 1.67 4.03
N GLY B 43 11.18 2.06 2.78
CA GLY B 43 10.77 3.43 2.50
C GLY B 43 9.32 3.69 2.87
N ARG B 44 9.04 4.94 3.21
CA ARG B 44 7.68 5.37 3.49
C ARG B 44 7.13 6.36 2.47
N SER B 45 7.95 6.83 1.52
CA SER B 45 7.47 7.72 0.47
C SER B 45 6.72 6.91 -0.59
N LYS B 46 5.90 7.62 -1.37
CA LYS B 46 5.39 7.05 -2.60
C LYS B 46 6.54 6.59 -3.49
N SER B 47 7.70 7.21 -3.34
CA SER B 47 8.87 6.94 -4.17
C SER B 47 9.59 5.64 -3.81
N ASN B 48 9.25 4.99 -2.69
CA ASN B 48 9.98 3.80 -2.26
C ASN B 48 9.22 2.97 -1.24
N LEU B 49 7.89 3.06 -1.25
CA LEU B 49 7.07 2.50 -0.18
C LEU B 49 7.27 1.00 -0.05
N GLY B 50 7.76 0.56 1.10
CA GLY B 50 7.95 -0.85 1.37
C GLY B 50 9.22 -1.46 0.78
N TRP B 51 10.04 -0.69 0.09
CA TRP B 51 11.28 -1.18 -0.52
C TRP B 51 12.47 -0.90 0.39
N THR B 52 13.40 -1.87 0.47
CA THR B 52 14.68 -1.68 1.14
C THR B 52 15.67 -1.01 0.18
N PRO B 53 16.76 -0.43 0.70
CA PRO B 53 17.84 0.05 -0.21
C PRO B 53 18.36 -1.04 -1.14
N LEU B 54 18.44 -2.28 -0.65
CA LEU B 54 18.87 -3.40 -1.49
C LEU B 54 17.90 -3.65 -2.63
N HIS B 55 16.59 -3.67 -2.34
CA HIS B 55 15.56 -3.74 -3.38
C HIS B 55 15.76 -2.68 -4.46
N LEU B 56 15.89 -1.43 -4.03
CA LEU B 56 16.01 -0.32 -4.96
C LEU B 56 17.25 -0.47 -5.84
N ALA B 57 18.38 -0.80 -5.22
CA ALA B 57 19.63 -0.90 -5.98
C ALA B 57 19.62 -2.10 -6.93
N CYS B 58 18.98 -3.22 -6.56
CA CYS B 58 18.84 -4.34 -7.47
C CYS B 58 17.90 -4.03 -8.64
N TYR B 59 16.70 -3.49 -8.36
CA TYR B 59 15.79 -3.16 -9.45
C TYR B 59 16.42 -2.18 -10.43
N PHE B 60 17.10 -1.16 -9.93
CA PHE B 60 17.66 -0.15 -10.81
C PHE B 60 19.08 -0.46 -11.27
N GLY B 61 19.68 -1.55 -10.79
CA GLY B 61 20.88 -2.09 -11.38
C GLY B 61 22.16 -1.44 -10.91
N HIS B 62 22.25 -1.08 -9.65
CA HIS B 62 23.39 -0.33 -9.13
C HIS B 62 24.33 -1.33 -8.46
N ARG B 63 25.22 -1.88 -9.27
CA ARG B 63 26.02 -3.01 -8.82
C ARG B 63 26.87 -2.67 -7.61
N GLN B 64 27.57 -1.54 -7.67
CA GLN B 64 28.47 -1.19 -6.57
C GLN B 64 27.70 -0.98 -5.28
N VAL B 65 26.53 -0.32 -5.34
CA VAL B 65 25.71 -0.16 -4.15
C VAL B 65 25.32 -1.51 -3.58
N VAL B 66 24.91 -2.44 -4.44
CA VAL B 66 24.54 -3.78 -3.97
C VAL B 66 25.71 -4.46 -3.28
N GLN B 67 26.92 -4.36 -3.85
CA GLN B 67 28.09 -4.96 -3.19
C GLN B 67 28.33 -4.35 -1.83
N ASP B 68 28.38 -3.02 -1.76
CA ASP B 68 28.62 -2.35 -0.49
C ASP B 68 27.54 -2.68 0.54
N LEU B 69 26.28 -2.70 0.10
CA LEU B 69 25.19 -3.08 1.01
C LEU B 69 25.35 -4.51 1.52
N LEU B 70 25.65 -5.45 0.62
CA LEU B 70 25.82 -6.85 1.04
C LEU B 70 27.04 -7.01 1.95
N LYS B 71 28.20 -6.51 1.52
CA LYS B 71 29.40 -6.58 2.34
C LYS B 71 29.17 -6.00 3.74
N ALA B 72 28.33 -4.96 3.84
CA ALA B 72 28.03 -4.35 5.13
C ALA B 72 26.92 -5.08 5.90
N GLY B 73 26.49 -6.24 5.41
CA GLY B 73 25.58 -7.08 6.16
C GLY B 73 24.10 -6.87 5.88
N ALA B 74 23.75 -6.27 4.75
CA ALA B 74 22.34 -6.16 4.40
C ALA B 74 21.73 -7.55 4.31
N GLU B 75 20.57 -7.71 4.93
CA GLU B 75 19.84 -8.96 4.84
C GLU B 75 19.45 -9.26 3.39
N VAL B 76 19.88 -10.41 2.88
CA VAL B 76 19.68 -10.71 1.47
C VAL B 76 18.24 -11.14 1.17
N ASN B 77 17.49 -11.63 2.16
CA ASN B 77 16.16 -12.19 1.93
C ASN B 77 15.02 -11.27 2.36
N VAL B 78 15.24 -9.95 2.40
CA VAL B 78 14.16 -9.02 2.71
C VAL B 78 13.06 -9.09 1.65
N LEU B 79 11.83 -8.77 2.05
CA LEU B 79 10.69 -8.77 1.17
C LEU B 79 10.11 -7.37 1.07
N ASN B 80 9.50 -7.04 -0.09
CA ASN B 80 8.72 -5.82 -0.22
C ASN B 80 7.24 -6.18 -0.24
N ASP B 81 6.37 -5.18 -0.44
CA ASP B 81 4.93 -5.40 -0.30
C ASP B 81 4.39 -6.35 -1.35
N MET B 82 5.14 -6.57 -2.44
CA MET B 82 4.76 -7.57 -3.43
C MET B 82 5.30 -8.95 -3.11
N GLY B 83 5.99 -9.12 -1.98
CA GLY B 83 6.62 -10.40 -1.71
C GLY B 83 7.87 -10.68 -2.51
N ASP B 84 8.39 -9.69 -3.23
CA ASP B 84 9.63 -9.86 -3.97
C ASP B 84 10.84 -9.71 -3.06
N THR B 85 11.85 -10.58 -3.29
CA THR B 85 13.17 -10.38 -2.74
C THR B 85 13.99 -9.53 -3.70
N PRO B 86 15.14 -9.01 -3.26
CA PRO B 86 16.06 -8.38 -4.22
C PRO B 86 16.41 -9.30 -5.39
N LEU B 87 16.53 -10.60 -5.14
CA LEU B 87 16.78 -11.55 -6.22
C LEU B 87 15.70 -11.48 -7.28
N HIS B 88 14.42 -11.53 -6.87
CA HIS B 88 13.29 -11.34 -7.80
C HIS B 88 13.48 -10.09 -8.67
N ARG B 89 13.80 -8.96 -8.04
CA ARG B 89 13.95 -7.70 -8.76
C ARG B 89 15.11 -7.76 -9.74
N ALA B 90 16.23 -8.33 -9.32
CA ALA B 90 17.37 -8.47 -10.22
C ALA B 90 17.09 -9.48 -11.33
N ALA B 91 16.46 -10.62 -11.00
CA ALA B 91 16.08 -11.57 -12.04
C ALA B 91 15.09 -10.96 -13.02
N PHE B 92 14.07 -10.27 -12.49
CA PHE B 92 13.06 -9.64 -13.32
C PHE B 92 13.68 -8.72 -14.37
N THR B 93 14.62 -7.86 -13.96
CA THR B 93 15.22 -6.90 -14.87
C THR B 93 16.42 -7.47 -15.66
N GLY B 94 16.65 -8.78 -15.59
CA GLY B 94 17.74 -9.40 -16.33
C GLY B 94 19.13 -8.94 -15.96
N ARG B 95 19.43 -8.79 -14.68
CA ARG B 95 20.75 -8.33 -14.25
C ARG B 95 21.58 -9.51 -13.77
N LYS B 96 22.27 -10.17 -14.72
CA LYS B 96 23.01 -11.39 -14.42
C LYS B 96 24.02 -11.18 -13.32
N GLU B 97 24.83 -10.15 -13.48
CA GLU B 97 25.92 -9.93 -12.55
C GLU B 97 25.42 -9.62 -11.14
N LEU B 98 24.25 -8.98 -11.02
CA LEU B 98 23.64 -8.81 -9.70
C LEU B 98 23.03 -10.10 -9.19
N VAL B 99 22.41 -10.90 -10.06
CA VAL B 99 21.91 -12.20 -9.61
C VAL B 99 23.05 -13.04 -9.04
N MET B 100 24.20 -13.08 -9.74
CA MET B 100 25.35 -13.83 -9.24
C MET B 100 25.76 -13.33 -7.86
N LEU B 101 25.89 -12.01 -7.72
CA LEU B 101 26.31 -11.43 -6.46
C LEU B 101 25.36 -11.76 -5.32
N LEU B 102 24.05 -11.83 -5.62
CA LEU B 102 23.08 -12.19 -4.59
C LEU B 102 23.22 -13.66 -4.20
N LEU B 103 23.50 -14.52 -5.18
CA LEU B 103 23.77 -15.92 -4.88
C LEU B 103 25.05 -16.08 -4.06
N GLU B 104 26.09 -15.30 -4.37
CA GLU B 104 27.31 -15.32 -3.56
C GLU B 104 27.02 -15.08 -2.10
N TYR B 105 26.01 -14.26 -1.79
CA TYR B 105 25.62 -14.00 -0.41
C TYR B 105 24.44 -14.86 0.01
N ASN B 106 24.27 -16.01 -0.64
CA ASN B 106 23.39 -17.08 -0.18
C ASN B 106 21.93 -16.64 -0.17
N ALA B 107 21.52 -15.99 -1.27
CA ALA B 107 20.11 -15.66 -1.45
C ALA B 107 19.28 -16.92 -1.62
N ASP B 108 18.12 -16.94 -0.98
CA ASP B 108 17.19 -18.06 -1.10
C ASP B 108 16.43 -17.97 -2.41
N THR B 109 16.65 -18.96 -3.29
CA THR B 109 15.99 -18.96 -4.59
C THR B 109 14.61 -19.60 -4.56
N THR B 110 14.20 -20.20 -3.44
CA THR B 110 12.91 -20.83 -3.38
C THR B 110 11.80 -19.91 -2.87
N ILE B 111 12.13 -18.66 -2.49
CA ILE B 111 11.10 -17.78 -1.96
C ILE B 111 10.10 -17.45 -3.05
N VAL B 112 8.81 -17.63 -2.72
CA VAL B 112 7.71 -17.41 -3.65
C VAL B 112 7.07 -16.06 -3.32
N ASN B 113 6.87 -15.22 -4.33
CA ASN B 113 6.37 -13.87 -4.09
C ASN B 113 4.85 -13.88 -3.98
N GLY B 114 4.26 -12.70 -3.75
CA GLY B 114 2.84 -12.63 -3.48
C GLY B 114 1.99 -13.12 -4.64
N SER B 115 2.53 -13.12 -5.85
CA SER B 115 1.80 -13.63 -7.00
C SER B 115 2.26 -15.02 -7.41
N GLY B 116 2.84 -15.78 -6.46
CA GLY B 116 3.09 -17.19 -6.69
C GLY B 116 4.29 -17.54 -7.53
N GLN B 117 5.24 -16.63 -7.71
CA GLN B 117 6.37 -16.90 -8.59
C GLN B 117 7.69 -16.79 -7.83
N THR B 118 8.62 -17.65 -8.21
CA THR B 118 10.00 -17.63 -7.73
C THR B 118 10.85 -16.74 -8.64
N ALA B 119 12.06 -16.43 -8.18
CA ALA B 119 12.94 -15.59 -8.98
C ALA B 119 13.19 -16.20 -10.36
N LYS B 120 13.39 -17.51 -10.41
CA LYS B 120 13.56 -18.19 -11.69
C LYS B 120 12.37 -17.95 -12.61
N GLU B 121 11.16 -17.90 -12.06
CA GLU B 121 9.95 -17.81 -12.86
C GLU B 121 9.64 -16.41 -13.38
N VAL B 122 10.33 -15.36 -12.93
CA VAL B 122 10.01 -14.01 -13.35
C VAL B 122 11.04 -13.43 -14.31
N THR B 123 12.08 -14.17 -14.65
CA THR B 123 13.12 -13.62 -15.51
C THR B 123 12.81 -13.91 -16.97
N HIS B 124 13.36 -13.06 -17.85
CA HIS B 124 13.35 -13.32 -19.29
C HIS B 124 14.74 -13.61 -19.82
N ALA B 125 15.77 -13.55 -18.99
CA ALA B 125 17.12 -13.87 -19.42
C ALA B 125 17.34 -15.37 -19.30
N GLU B 126 17.63 -16.03 -20.43
CA GLU B 126 17.81 -17.48 -20.39
C GLU B 126 18.99 -17.86 -19.50
N GLU B 127 20.09 -17.11 -19.58
CA GLU B 127 21.24 -17.37 -18.72
C GLU B 127 20.88 -17.25 -17.25
N ILE B 128 19.93 -16.38 -16.90
CA ILE B 128 19.50 -16.26 -15.52
C ILE B 128 18.56 -17.40 -15.15
N ARG B 129 17.59 -17.68 -16.01
CA ARG B 129 16.64 -18.76 -15.73
C ARG B 129 17.36 -20.09 -15.53
N SER B 130 18.23 -20.45 -16.47
CA SER B 130 18.96 -21.71 -16.35
C SER B 130 19.83 -21.72 -15.09
N MET B 131 20.50 -20.61 -14.78
CA MET B 131 21.36 -20.59 -13.59
C MET B 131 20.55 -20.70 -12.31
N LEU B 132 19.38 -20.07 -12.24
CA LEU B 132 18.55 -20.20 -11.06
C LEU B 132 17.88 -21.57 -10.97
N GLU B 133 17.68 -22.24 -12.11
CA GLU B 133 17.20 -23.62 -12.11
C GLU B 133 18.17 -24.55 -11.42
N ALA B 134 19.48 -24.42 -11.70
CA ALA B 134 20.48 -25.28 -11.08
C ALA B 134 20.54 -25.05 -9.57
N VAL B 135 20.62 -23.80 -9.14
CA VAL B 135 20.69 -23.52 -7.71
C VAL B 135 19.42 -23.96 -6.99
N GLU B 136 18.25 -23.69 -7.57
CA GLU B 136 16.99 -24.04 -6.93
C GLU B 136 16.81 -25.54 -6.85
N ARG B 137 17.25 -26.26 -7.89
CA ARG B 137 17.35 -27.71 -7.84
C ARG B 137 18.09 -28.16 -6.58
N THR B 138 19.26 -27.54 -6.33
CA THR B 138 20.09 -27.91 -5.19
C THR B 138 19.47 -27.43 -3.87
N GLN B 139 19.08 -26.15 -3.81
CA GLN B 139 18.55 -25.57 -2.58
C GLN B 139 17.25 -26.21 -2.12
N GLN B 140 16.53 -26.91 -2.99
CA GLN B 140 15.22 -27.48 -2.64
C GLN B 140 15.30 -28.97 -2.28
N VAL C 12 -15.07 -28.07 5.40
CA VAL C 12 -15.10 -26.88 6.23
C VAL C 12 -13.68 -26.33 6.44
N LEU C 13 -13.41 -25.13 5.92
CA LEU C 13 -12.09 -24.52 6.03
C LEU C 13 -12.17 -23.27 6.89
N LEU C 14 -11.39 -23.24 7.96
CA LEU C 14 -11.30 -22.09 8.85
C LEU C 14 -9.94 -21.44 8.67
N LYS C 15 -9.93 -20.21 8.18
CA LYS C 15 -8.69 -19.45 7.99
C LYS C 15 -8.40 -18.66 9.26
N VAL C 16 -7.29 -18.97 9.91
CA VAL C 16 -6.89 -18.28 11.14
C VAL C 16 -5.56 -17.57 10.88
N ILE C 17 -5.42 -16.37 11.42
CA ILE C 17 -4.24 -15.56 11.19
C ILE C 17 -3.65 -15.17 12.53
N ILE C 18 -2.33 -15.31 12.66
CA ILE C 18 -1.62 -15.02 13.89
C ILE C 18 -0.73 -13.81 13.65
N LEU C 19 -0.94 -12.76 14.44
CA LEU C 19 -0.20 -11.52 14.31
C LEU C 19 0.51 -11.21 15.62
N GLY C 20 1.57 -10.43 15.53
CA GLY C 20 2.25 -9.98 16.73
C GLY C 20 3.67 -9.58 16.45
N ASP C 21 4.26 -8.88 17.40
CA ASP C 21 5.62 -8.42 17.24
C ASP C 21 6.58 -9.61 17.08
N SER C 22 7.79 -9.31 16.61
CA SER C 22 8.78 -10.35 16.45
C SER C 22 9.24 -10.85 17.81
N GLY C 23 9.42 -12.15 17.92
CA GLY C 23 10.00 -12.73 19.11
C GLY C 23 9.01 -13.01 20.23
N VAL C 24 7.73 -12.67 20.05
CA VAL C 24 6.74 -12.91 21.08
C VAL C 24 6.35 -14.38 21.17
N GLY C 25 6.62 -15.16 20.13
CA GLY C 25 6.40 -16.58 20.18
C GLY C 25 5.29 -17.07 19.29
N LYS C 26 5.00 -16.34 18.20
CA LYS C 26 3.95 -16.77 17.28
C LYS C 26 4.24 -18.16 16.74
N THR C 27 5.41 -18.31 16.09
CA THR C 27 5.77 -19.61 15.52
C THR C 27 5.83 -20.69 16.59
N SER C 28 6.34 -20.36 17.79
CA SER C 28 6.42 -21.35 18.87
C SER C 28 5.02 -21.83 19.27
N LEU C 29 4.07 -20.90 19.44
CA LEU C 29 2.73 -21.27 19.87
C LEU C 29 2.02 -22.13 18.85
N MET C 30 2.34 -21.94 17.56
CA MET C 30 1.67 -22.72 16.53
C MET C 30 2.27 -24.12 16.43
N ASN C 31 3.57 -24.24 16.64
CA ASN C 31 4.14 -25.58 16.58
C ASN C 31 3.96 -26.34 17.90
N GLN C 32 3.85 -25.62 19.02
CA GLN C 32 3.41 -26.26 20.25
C GLN C 32 2.02 -26.87 20.10
N TYR C 33 1.14 -26.24 19.31
CA TYR C 33 -0.22 -26.74 19.11
C TYR C 33 -0.31 -27.80 18.01
N VAL C 34 0.37 -27.58 16.88
CA VAL C 34 0.19 -28.46 15.74
C VAL C 34 1.07 -29.72 15.84
N ASN C 35 2.22 -29.62 16.51
CA ASN C 35 3.17 -30.73 16.52
C ASN C 35 3.77 -31.05 17.89
N LYS C 36 3.25 -30.47 18.98
CA LYS C 36 3.71 -30.73 20.35
C LYS C 36 5.21 -30.48 20.52
N LYS C 37 5.78 -29.62 19.69
CA LYS C 37 7.20 -29.36 19.63
C LYS C 37 7.50 -27.93 20.07
N PHE C 38 8.54 -27.77 20.88
CA PHE C 38 9.04 -26.44 21.22
C PHE C 38 10.57 -26.44 21.18
N SER C 39 11.15 -25.46 20.52
CA SER C 39 12.60 -25.28 20.50
C SER C 39 12.96 -23.91 21.07
N ASN C 40 14.03 -23.87 21.85
CA ASN C 40 14.53 -22.58 22.32
C ASN C 40 15.37 -21.85 21.29
N GLN C 41 15.62 -22.49 20.13
CA GLN C 41 16.38 -21.87 19.05
C GLN C 41 15.46 -20.96 18.26
N TYR C 42 15.83 -19.68 18.16
CA TYR C 42 15.02 -18.70 17.43
C TYR C 42 15.38 -18.73 15.95
N LYS C 43 14.39 -18.96 15.09
CA LYS C 43 14.52 -18.78 13.65
C LYS C 43 13.39 -17.89 13.17
N ALA C 44 13.73 -16.66 12.78
CA ALA C 44 12.72 -15.67 12.39
C ALA C 44 11.90 -16.12 11.19
N THR C 45 10.60 -15.87 11.23
CA THR C 45 9.70 -16.17 10.11
C THR C 45 9.85 -15.13 9.00
N ILE C 46 9.63 -15.58 7.76
CA ILE C 46 9.71 -14.74 6.58
C ILE C 46 8.38 -14.81 5.86
N GLY C 47 7.84 -13.64 5.49
CA GLY C 47 6.60 -13.62 4.72
C GLY C 47 5.42 -14.11 5.53
N ALA C 48 4.51 -14.81 4.85
CA ALA C 48 3.37 -15.43 5.50
C ALA C 48 3.07 -16.74 4.80
N ASP C 49 2.99 -17.83 5.57
CA ASP C 49 2.62 -19.12 5.03
C ASP C 49 1.83 -19.85 6.11
N PHE C 50 1.12 -20.90 5.71
CA PHE C 50 0.16 -21.56 6.60
C PHE C 50 0.46 -23.05 6.77
N LEU C 51 0.05 -23.57 7.92
CA LEU C 51 -0.12 -24.99 8.18
C LEU C 51 -1.61 -25.33 8.15
N THR C 52 -1.90 -26.60 7.91
CA THR C 52 -3.26 -27.12 8.05
C THR C 52 -3.30 -28.13 9.20
N LYS C 53 -4.44 -28.21 9.87
CA LYS C 53 -4.61 -29.18 10.95
C LYS C 53 -6.10 -29.43 11.12
N GLU C 54 -6.51 -30.69 11.00
CA GLU C 54 -7.90 -31.06 11.18
C GLU C 54 -8.18 -31.19 12.68
N VAL C 55 -9.00 -30.27 13.20
CA VAL C 55 -9.44 -30.32 14.59
C VAL C 55 -10.95 -30.46 14.57
N MET C 56 -11.50 -30.92 15.69
CA MET C 56 -12.94 -31.08 15.84
C MET C 56 -13.45 -30.10 16.89
N VAL C 57 -14.67 -29.62 16.65
CA VAL C 57 -15.33 -28.64 17.51
C VAL C 57 -16.81 -28.98 17.55
N ASP C 58 -17.33 -29.22 18.77
CA ASP C 58 -18.71 -29.66 18.95
C ASP C 58 -18.98 -30.93 18.14
N ASP C 59 -17.98 -31.81 18.10
CA ASP C 59 -18.01 -33.06 17.33
C ASP C 59 -18.40 -32.81 15.87
N ARG C 60 -17.70 -31.86 15.25
CA ARG C 60 -17.81 -31.59 13.82
C ARG C 60 -16.41 -31.27 13.30
N LEU C 61 -15.85 -32.17 12.50
CA LEU C 61 -14.48 -32.01 12.03
C LEU C 61 -14.38 -30.79 11.09
N VAL C 62 -13.36 -29.96 11.33
CA VAL C 62 -13.04 -28.84 10.46
C VAL C 62 -11.55 -28.89 10.15
N THR C 63 -11.15 -28.08 9.18
CA THR C 63 -9.73 -27.94 8.83
C THR C 63 -9.33 -26.51 9.13
N MET C 64 -8.51 -26.33 10.17
CA MET C 64 -8.02 -25.02 10.56
C MET C 64 -6.73 -24.73 9.81
N GLN C 65 -6.74 -23.67 9.01
CA GLN C 65 -5.61 -23.23 8.21
C GLN C 65 -4.97 -22.06 8.93
N ILE C 66 -3.87 -22.32 9.65
CA ILE C 66 -3.25 -21.36 10.55
C ILE C 66 -2.10 -20.66 9.84
N TRP C 67 -2.18 -19.33 9.70
CA TRP C 67 -1.18 -18.55 8.99
C TRP C 67 -0.20 -17.95 9.99
N ASP C 68 1.09 -18.25 9.80
CA ASP C 68 2.18 -17.70 10.61
C ASP C 68 2.78 -16.53 9.83
N THR C 69 3.08 -15.43 10.51
CA THR C 69 3.49 -14.21 9.84
C THR C 69 4.83 -13.70 10.35
N ALA C 70 5.48 -12.85 9.56
CA ALA C 70 6.72 -12.22 9.98
C ALA C 70 6.43 -11.07 10.94
N GLY C 71 7.04 -11.10 12.12
CA GLY C 71 6.91 -9.98 13.04
C GLY C 71 7.94 -8.91 12.74
N LEU C 72 9.03 -9.30 12.08
CA LEU C 72 10.08 -8.37 11.71
C LEU C 72 9.70 -7.63 10.43
N GLU C 73 9.77 -6.30 10.48
CA GLU C 73 9.36 -5.49 9.34
C GLU C 73 10.09 -5.89 8.06
N ARG C 74 11.40 -6.17 8.14
CA ARG C 74 12.18 -6.46 6.95
C ARG C 74 11.71 -7.73 6.22
N PHE C 75 11.02 -8.64 6.91
CA PHE C 75 10.52 -9.86 6.30
C PHE C 75 9.02 -9.81 6.04
N GLN C 76 8.36 -8.69 6.34
CA GLN C 76 6.93 -8.59 6.08
C GLN C 76 6.68 -8.28 4.60
N SER C 77 5.62 -8.88 4.07
CA SER C 77 5.27 -8.64 2.67
C SER C 77 3.90 -8.01 2.59
N GLY C 78 3.08 -8.46 1.66
CA GLY C 78 1.73 -7.94 1.60
C GLY C 78 0.91 -8.28 2.84
N VAL C 79 -0.28 -7.70 2.93
CA VAL C 79 -1.32 -8.18 3.81
C VAL C 79 -2.53 -8.65 3.02
N ALA C 80 -2.34 -8.89 1.72
CA ALA C 80 -3.44 -9.35 0.89
C ALA C 80 -4.01 -10.68 1.38
N PHE C 81 -3.18 -11.49 2.05
CA PHE C 81 -3.64 -12.79 2.54
C PHE C 81 -4.60 -12.67 3.73
N TYR C 82 -4.83 -11.46 4.26
CA TYR C 82 -5.79 -11.28 5.35
C TYR C 82 -7.23 -11.55 4.95
N ARG C 83 -7.55 -11.43 3.65
CA ARG C 83 -8.91 -11.13 3.22
C ARG C 83 -9.94 -12.11 3.74
N GLY C 84 -9.83 -13.39 3.35
CA GLY C 84 -10.88 -14.34 3.71
C GLY C 84 -10.83 -14.91 5.11
N ALA C 85 -10.20 -14.21 6.04
CA ALA C 85 -9.91 -14.79 7.35
C ALA C 85 -11.17 -14.88 8.20
N ASP C 86 -11.22 -15.92 9.04
CA ASP C 86 -12.35 -16.15 9.93
C ASP C 86 -12.05 -15.83 11.38
N CYS C 87 -10.78 -15.73 11.75
CA CYS C 87 -10.40 -15.35 13.10
C CYS C 87 -8.99 -14.81 13.08
N CYS C 88 -8.68 -13.94 14.02
CA CYS C 88 -7.37 -13.31 14.08
C CYS C 88 -6.83 -13.40 15.49
N VAL C 89 -5.63 -13.99 15.64
CA VAL C 89 -4.99 -14.17 16.93
C VAL C 89 -3.93 -13.09 17.10
N LEU C 90 -3.92 -12.46 18.28
CA LEU C 90 -2.98 -11.40 18.59
C LEU C 90 -2.11 -11.86 19.76
N VAL C 91 -0.80 -11.91 19.56
CA VAL C 91 0.13 -12.45 20.54
C VAL C 91 1.04 -11.33 21.02
N PHE C 92 1.24 -11.27 22.34
CA PHE C 92 2.30 -10.47 22.91
C PHE C 92 3.11 -11.32 23.89
N ASP C 93 4.15 -10.72 24.45
CA ASP C 93 5.06 -11.38 25.40
C ASP C 93 4.93 -10.65 26.73
N VAL C 94 4.38 -11.35 27.74
CA VAL C 94 4.12 -10.76 29.03
C VAL C 94 5.37 -10.19 29.71
N THR C 95 6.56 -10.52 29.22
CA THR C 95 7.81 -10.02 29.78
C THR C 95 8.30 -8.74 29.11
N ALA C 96 7.69 -8.34 27.99
CA ALA C 96 8.07 -7.12 27.30
C ALA C 96 6.83 -6.24 27.15
N PRO C 97 6.84 -5.00 27.64
CA PRO C 97 5.63 -4.17 27.52
C PRO C 97 5.38 -3.65 26.11
N ASN C 98 6.43 -3.40 25.32
CA ASN C 98 6.24 -2.83 23.98
C ASN C 98 5.41 -3.75 23.09
N THR C 99 5.58 -5.07 23.24
CA THR C 99 4.82 -6.00 22.43
C THR C 99 3.34 -5.98 22.78
N PHE C 100 2.98 -5.49 23.96
CA PHE C 100 1.58 -5.38 24.31
C PHE C 100 0.95 -4.10 23.79
N LYS C 101 1.71 -3.00 23.75
CA LYS C 101 1.14 -1.74 23.27
C LYS C 101 0.77 -1.83 21.79
N THR C 102 1.54 -2.60 21.00
CA THR C 102 1.30 -2.69 19.57
C THR C 102 0.03 -3.46 19.22
N LEU C 103 -0.62 -4.12 20.18
CA LEU C 103 -1.80 -4.90 19.84
C LEU C 103 -2.87 -4.04 19.18
N ASP C 104 -3.01 -2.78 19.61
CA ASP C 104 -4.00 -1.90 19.03
C ASP C 104 -3.81 -1.76 17.51
N SER C 105 -2.58 -1.48 17.07
CA SER C 105 -2.33 -1.28 15.65
C SER C 105 -2.40 -2.59 14.86
N TRP C 106 -1.96 -3.71 15.45
CA TRP C 106 -2.17 -5.00 14.80
C TRP C 106 -3.64 -5.24 14.53
N ARG C 107 -4.49 -4.89 15.50
CA ARG C 107 -5.92 -5.13 15.34
C ARG C 107 -6.53 -4.15 14.33
N ASP C 108 -6.18 -2.87 14.43
CA ASP C 108 -6.72 -1.89 13.49
C ASP C 108 -6.26 -2.17 12.08
N GLU C 109 -4.97 -2.51 11.90
CA GLU C 109 -4.49 -2.83 10.56
C GLU C 109 -5.23 -4.03 10.00
N PHE C 110 -5.44 -5.09 10.79
CA PHE C 110 -6.23 -6.20 10.28
C PHE C 110 -7.64 -5.76 9.89
N LEU C 111 -8.28 -4.95 10.73
CA LEU C 111 -9.67 -4.58 10.47
C LEU C 111 -9.80 -3.79 9.17
N ILE C 112 -8.94 -2.79 8.96
CA ILE C 112 -9.10 -2.00 7.74
C ILE C 112 -8.63 -2.77 6.51
N GLN C 113 -7.66 -3.68 6.65
CA GLN C 113 -7.14 -4.39 5.49
C GLN C 113 -7.95 -5.64 5.16
N ALA C 114 -8.27 -6.45 6.16
CA ALA C 114 -9.13 -7.61 5.93
C ALA C 114 -10.54 -7.19 5.55
N SER C 115 -11.00 -6.08 6.14
CA SER C 115 -12.29 -5.48 5.83
C SER C 115 -13.46 -6.47 6.00
N PRO C 116 -13.65 -7.02 7.19
CA PRO C 116 -14.87 -7.82 7.42
C PRO C 116 -16.12 -6.95 7.28
N ARG C 117 -17.22 -7.61 6.94
CA ARG C 117 -18.47 -6.88 6.75
C ARG C 117 -19.01 -6.33 8.06
N ASP C 118 -18.62 -6.92 9.18
CA ASP C 118 -19.10 -6.52 10.51
C ASP C 118 -17.87 -6.39 11.40
N PRO C 119 -17.19 -5.24 11.35
CA PRO C 119 -15.93 -5.13 12.10
C PRO C 119 -16.11 -5.28 13.60
N GLU C 120 -17.20 -4.77 14.18
CA GLU C 120 -17.33 -4.78 15.62
C GLU C 120 -17.49 -6.21 16.18
N ASN C 121 -17.87 -7.17 15.34
CA ASN C 121 -18.14 -8.54 15.77
C ASN C 121 -17.14 -9.53 15.18
N PHE C 122 -15.97 -9.08 14.77
CA PHE C 122 -15.07 -10.07 14.21
C PHE C 122 -14.32 -10.79 15.33
N PRO C 123 -14.09 -12.09 15.20
CA PRO C 123 -13.45 -12.86 16.28
C PRO C 123 -11.96 -12.59 16.37
N PHE C 124 -11.54 -11.99 17.49
CA PHE C 124 -10.13 -11.88 17.89
C PHE C 124 -9.89 -12.68 19.17
N VAL C 125 -8.68 -13.25 19.29
CA VAL C 125 -8.21 -13.84 20.53
C VAL C 125 -6.83 -13.26 20.86
N VAL C 126 -6.62 -12.87 22.11
CA VAL C 126 -5.35 -12.34 22.57
C VAL C 126 -4.64 -13.38 23.44
N LEU C 127 -3.36 -13.62 23.16
CA LEU C 127 -2.52 -14.53 23.93
C LEU C 127 -1.38 -13.72 24.54
N GLY C 128 -1.28 -13.76 25.87
CA GLY C 128 -0.13 -13.21 26.57
C GLY C 128 0.89 -14.29 26.87
N ASN C 129 1.87 -14.46 26.01
CA ASN C 129 2.72 -15.64 25.98
C ASN C 129 3.91 -15.50 26.93
N LYS C 130 4.57 -16.64 27.19
CA LYS C 130 5.79 -16.74 28.00
C LYS C 130 5.53 -16.55 29.49
N ILE C 131 4.37 -17.03 29.98
CA ILE C 131 4.07 -16.87 31.41
C ILE C 131 5.06 -17.64 32.27
N ASP C 132 5.64 -18.72 31.73
CA ASP C 132 6.64 -19.50 32.44
C ASP C 132 7.84 -18.66 32.89
N LEU C 133 8.06 -17.49 32.30
CA LEU C 133 9.27 -16.74 32.58
C LEU C 133 9.16 -15.97 33.89
N GLU C 134 10.30 -15.39 34.29
CA GLU C 134 10.50 -14.80 35.59
C GLU C 134 9.61 -13.59 35.85
N ASN C 135 9.94 -12.47 35.19
CA ASN C 135 9.45 -11.15 35.58
C ASN C 135 8.53 -10.60 34.50
N ARG C 136 7.24 -10.93 34.59
CA ARG C 136 6.27 -10.38 33.65
C ARG C 136 6.01 -8.91 33.97
N GLN C 137 6.14 -8.06 32.93
CA GLN C 137 5.89 -6.63 33.09
C GLN C 137 4.47 -6.21 32.74
N VAL C 138 3.68 -7.10 32.15
CA VAL C 138 2.29 -6.82 31.79
C VAL C 138 1.40 -7.54 32.78
N ALA C 139 0.60 -6.78 33.53
CA ALA C 139 -0.29 -7.34 34.53
C ALA C 139 -1.48 -8.04 33.86
N THR C 140 -1.91 -9.15 34.45
CA THR C 140 -2.99 -9.93 33.85
C THR C 140 -4.27 -9.11 33.70
N LYS C 141 -4.67 -8.41 34.76
CA LYS C 141 -5.92 -7.65 34.72
C LYS C 141 -5.88 -6.56 33.66
N ARG C 142 -4.68 -6.01 33.39
CA ARG C 142 -4.56 -4.93 32.41
C ARG C 142 -4.76 -5.43 30.99
N ALA C 143 -4.24 -6.62 30.67
CA ALA C 143 -4.47 -7.21 29.37
C ALA C 143 -5.94 -7.58 29.17
N GLN C 144 -6.57 -8.19 30.17
CA GLN C 144 -7.98 -8.53 30.00
C GLN C 144 -8.85 -7.28 30.06
N ALA C 145 -8.42 -6.20 30.72
CA ALA C 145 -9.18 -4.96 30.59
C ALA C 145 -9.30 -4.56 29.13
N TRP C 146 -8.16 -4.56 28.42
CA TRP C 146 -8.14 -4.16 27.02
C TRP C 146 -8.98 -5.10 26.15
N CYS C 147 -8.88 -6.41 26.38
CA CYS C 147 -9.65 -7.36 25.58
C CYS C 147 -11.15 -7.24 25.82
N TYR C 148 -11.55 -6.83 27.02
CA TYR C 148 -12.97 -6.60 27.28
C TYR C 148 -13.43 -5.29 26.64
N SER C 149 -12.64 -4.22 26.81
CA SER C 149 -12.91 -2.93 26.21
C SER C 149 -12.98 -2.96 24.69
N LYS C 150 -12.58 -4.07 24.07
CA LYS C 150 -12.61 -4.28 22.63
C LYS C 150 -13.74 -5.23 22.25
N ASN C 151 -14.90 -5.07 22.89
CA ASN C 151 -16.07 -5.93 22.67
C ASN C 151 -15.80 -7.37 23.10
N ASN C 152 -15.17 -7.53 24.25
CA ASN C 152 -15.10 -8.83 24.91
C ASN C 152 -14.24 -9.84 24.13
N ILE C 153 -12.99 -9.49 23.86
CA ILE C 153 -12.03 -10.37 23.20
C ILE C 153 -11.59 -11.48 24.15
N PRO C 154 -11.75 -12.76 23.81
CA PRO C 154 -11.19 -13.83 24.63
C PRO C 154 -9.68 -13.65 24.85
N TYR C 155 -9.26 -13.71 26.12
CA TYR C 155 -7.86 -13.54 26.51
C TYR C 155 -7.35 -14.78 27.23
N PHE C 156 -6.15 -15.23 26.87
CA PHE C 156 -5.55 -16.43 27.42
C PHE C 156 -4.08 -16.18 27.73
N GLU C 157 -3.67 -16.47 28.96
CA GLU C 157 -2.25 -16.56 29.26
C GLU C 157 -1.73 -17.92 28.82
N THR C 158 -0.54 -17.93 28.21
CA THR C 158 -0.02 -19.14 27.58
C THR C 158 1.48 -19.25 27.81
N SER C 159 1.98 -20.48 27.63
CA SER C 159 3.41 -20.75 27.52
C SER C 159 3.57 -21.83 26.46
N ALA C 160 4.11 -21.48 25.30
CA ALA C 160 4.44 -22.48 24.31
C ALA C 160 5.62 -23.35 24.73
N LYS C 161 6.48 -22.84 25.63
CA LYS C 161 7.58 -23.63 26.17
C LYS C 161 7.06 -24.75 27.06
N GLU C 162 6.20 -24.42 28.03
CA GLU C 162 5.62 -25.39 28.95
C GLU C 162 4.22 -25.83 28.55
N ALA C 163 3.88 -25.70 27.26
CA ALA C 163 2.63 -26.21 26.67
C ALA C 163 1.37 -25.77 27.45
N ILE C 164 1.47 -24.69 28.21
CA ILE C 164 0.39 -24.23 29.08
C ILE C 164 -0.64 -23.45 28.27
N ASN C 165 -1.91 -23.89 28.33
CA ASN C 165 -3.06 -23.16 27.82
C ASN C 165 -3.10 -23.07 26.30
N VAL C 166 -2.31 -23.89 25.60
CA VAL C 166 -2.23 -23.81 24.15
C VAL C 166 -3.35 -24.60 23.48
N GLU C 167 -3.50 -25.88 23.80
CA GLU C 167 -4.66 -26.61 23.30
C GLU C 167 -5.95 -25.96 23.77
N GLN C 168 -5.90 -25.27 24.91
CA GLN C 168 -7.06 -24.56 25.43
C GLN C 168 -7.42 -23.37 24.54
N ALA C 169 -6.42 -22.56 24.19
CA ALA C 169 -6.68 -21.30 23.49
C ALA C 169 -7.22 -21.57 22.09
N PHE C 170 -6.54 -22.42 21.33
CA PHE C 170 -7.00 -22.70 19.96
C PHE C 170 -8.36 -23.39 19.93
N GLN C 171 -8.78 -23.98 21.04
CA GLN C 171 -10.14 -24.48 21.12
C GLN C 171 -11.12 -23.32 20.98
N THR C 172 -10.92 -22.26 21.76
CA THR C 172 -11.73 -21.05 21.63
C THR C 172 -11.66 -20.49 20.22
N ILE C 173 -10.44 -20.26 19.71
CA ILE C 173 -10.19 -19.81 18.34
C ILE C 173 -11.04 -20.60 17.37
N ALA C 174 -10.90 -21.93 17.38
CA ALA C 174 -11.61 -22.78 16.43
C ALA C 174 -13.12 -22.65 16.58
N ARG C 175 -13.62 -22.45 17.79
CA ARG C 175 -15.05 -22.35 18.01
C ARG C 175 -15.61 -21.07 17.39
N ASN C 176 -15.05 -19.92 17.77
CA ASN C 176 -15.53 -18.65 17.27
C ASN C 176 -15.33 -18.50 15.78
N ALA C 177 -14.29 -19.14 15.23
CA ALA C 177 -14.10 -19.15 13.78
C ALA C 177 -15.28 -19.82 13.08
N LEU C 178 -15.70 -20.99 13.58
CA LEU C 178 -16.77 -21.73 12.90
C LEU C 178 -18.10 -20.99 13.00
N LYS C 179 -18.34 -20.28 14.11
CA LYS C 179 -19.46 -19.35 14.16
C LYS C 179 -19.39 -18.36 13.00
N GLN C 180 -18.16 -17.92 12.66
CA GLN C 180 -17.97 -16.89 11.66
C GLN C 180 -18.15 -17.44 10.25
N GLU C 181 -17.45 -18.52 9.92
CA GLU C 181 -17.48 -19.10 8.58
C GLU C 181 -18.92 -19.30 8.09
N THR C 182 -19.71 -20.04 8.85
CA THR C 182 -21.11 -20.25 8.50
C THR C 182 -21.96 -19.06 8.95
N GLY D 5 -0.51 12.81 19.16
CA GLY D 5 0.36 13.38 18.14
C GLY D 5 -0.15 14.68 17.55
N SER D 6 0.03 14.85 16.23
CA SER D 6 -0.48 16.02 15.53
C SER D 6 -2.01 16.06 15.61
N ALA D 7 -2.57 17.23 15.30
CA ALA D 7 -4.02 17.39 15.25
C ALA D 7 -4.66 16.38 14.29
N GLU D 8 -4.01 16.13 13.14
CA GLU D 8 -4.53 15.16 12.18
C GLU D 8 -4.51 13.74 12.74
N GLN D 9 -3.41 13.35 13.40
CA GLN D 9 -3.36 12.02 13.97
C GLN D 9 -4.45 11.85 15.03
N GLN D 10 -4.75 12.92 15.79
CA GLN D 10 -5.82 12.84 16.76
C GLN D 10 -7.19 12.72 16.10
N LEU D 11 -7.42 13.50 15.04
CA LEU D 11 -8.68 13.38 14.30
C LEU D 11 -8.86 11.96 13.75
N LEU D 12 -7.80 11.37 13.18
CA LEU D 12 -7.88 10.00 12.71
C LEU D 12 -8.16 9.03 13.87
N HIS D 13 -7.53 9.25 15.01
CA HIS D 13 -7.72 8.36 16.16
C HIS D 13 -9.14 8.47 16.70
N HIS D 14 -9.62 9.69 16.97
CA HIS D 14 -10.94 9.84 17.57
C HIS D 14 -12.05 9.51 16.59
N ALA D 15 -11.85 9.75 15.28
CA ALA D 15 -12.90 9.38 14.33
C ALA D 15 -12.99 7.86 14.21
N ARG D 16 -11.86 7.16 14.17
CA ARG D 16 -11.90 5.70 14.07
C ARG D 16 -12.55 5.09 15.32
N ASN D 17 -12.30 5.66 16.49
CA ASN D 17 -12.81 5.09 17.74
C ASN D 17 -14.12 5.73 18.16
N GLY D 18 -14.68 6.63 17.37
CA GLY D 18 -16.02 7.15 17.64
C GLY D 18 -16.11 8.02 18.87
N ASN D 19 -15.03 8.71 19.24
CA ASN D 19 -15.03 9.62 20.38
C ASN D 19 -15.62 10.96 19.90
N ALA D 20 -16.95 11.01 19.89
CA ALA D 20 -17.65 12.09 19.20
C ALA D 20 -17.34 13.45 19.80
N GLU D 21 -17.22 13.52 21.14
CA GLU D 21 -16.94 14.79 21.77
C GLU D 21 -15.53 15.28 21.44
N GLU D 22 -14.54 14.37 21.41
CA GLU D 22 -13.18 14.76 21.06
C GLU D 22 -13.08 15.20 19.60
N VAL D 23 -13.86 14.59 18.70
CA VAL D 23 -13.90 15.03 17.31
C VAL D 23 -14.50 16.43 17.22
N ARG D 24 -15.69 16.62 17.80
CA ARG D 24 -16.35 17.93 17.80
C ARG D 24 -15.42 19.01 18.35
N GLN D 25 -14.63 18.68 19.37
CA GLN D 25 -13.68 19.64 19.94
C GLN D 25 -12.58 19.99 18.94
N LEU D 26 -12.03 18.97 18.28
CA LEU D 26 -10.97 19.21 17.31
C LEU D 26 -11.48 20.04 16.14
N LEU D 27 -12.68 19.73 15.64
CA LEU D 27 -13.25 20.46 14.50
C LEU D 27 -13.44 21.94 14.82
N GLU D 28 -13.92 22.24 16.04
CA GLU D 28 -14.13 23.64 16.43
C GLU D 28 -12.80 24.39 16.54
N THR D 29 -11.76 23.73 17.07
CA THR D 29 -10.43 24.32 17.10
C THR D 29 -9.93 24.62 15.69
N MET D 30 -10.15 23.71 14.74
CA MET D 30 -9.75 23.92 13.36
C MET D 30 -10.55 25.07 12.73
N ALA D 31 -11.87 25.07 12.92
CA ALA D 31 -12.71 26.13 12.36
C ALA D 31 -12.27 27.51 12.86
N ARG D 32 -11.73 27.60 14.07
CA ARG D 32 -11.23 28.87 14.60
C ARG D 32 -9.77 29.15 14.25
N ASN D 33 -9.12 28.27 13.48
CA ASN D 33 -7.72 28.43 13.06
C ASN D 33 -6.75 28.37 14.24
N GLU D 34 -7.15 27.71 15.33
CA GLU D 34 -6.27 27.53 16.49
C GLU D 34 -5.39 26.31 16.40
N VAL D 35 -5.73 25.35 15.53
CA VAL D 35 -4.78 24.38 15.03
C VAL D 35 -4.94 24.36 13.52
N ILE D 36 -3.90 23.92 12.83
CA ILE D 36 -3.90 23.78 11.39
C ILE D 36 -3.96 22.29 11.11
N ALA D 37 -5.09 21.83 10.58
CA ALA D 37 -5.27 20.42 10.27
C ALA D 37 -6.18 20.29 9.05
N ASP D 38 -5.92 19.26 8.25
CA ASP D 38 -6.71 18.97 7.06
C ASP D 38 -7.82 18.00 7.43
N ILE D 39 -9.08 18.45 7.31
CA ILE D 39 -10.20 17.58 7.67
C ILE D 39 -10.23 16.34 6.80
N ASN D 40 -9.65 16.41 5.59
CA ASN D 40 -9.60 15.31 4.63
C ASN D 40 -8.25 14.59 4.65
N CYS D 41 -7.47 14.76 5.72
CA CYS D 41 -6.16 14.15 5.82
C CYS D 41 -6.29 12.64 5.69
N LYS D 42 -5.23 12.00 5.26
CA LYS D 42 -5.21 10.55 5.12
C LYS D 42 -4.20 9.93 6.07
N GLY D 43 -4.57 8.79 6.66
CA GLY D 43 -3.69 8.13 7.61
C GLY D 43 -2.38 7.74 6.94
N ARG D 44 -1.29 7.90 7.69
CA ARG D 44 0.03 7.47 7.26
C ARG D 44 0.54 6.28 8.07
N SER D 45 -0.23 5.78 9.03
CA SER D 45 0.22 4.64 9.81
C SER D 45 -0.44 3.36 9.30
N LYS D 46 0.00 2.23 9.83
CA LYS D 46 -0.56 0.97 9.35
C LYS D 46 -1.99 0.76 9.82
N SER D 47 -2.39 1.40 10.90
CA SER D 47 -3.77 1.26 11.34
C SER D 47 -4.76 2.14 10.57
N ASN D 48 -4.29 2.99 9.62
CA ASN D 48 -5.21 3.85 8.87
C ASN D 48 -4.70 4.26 7.49
N LEU D 49 -3.76 3.52 6.90
CA LEU D 49 -3.02 3.99 5.74
C LEU D 49 -3.96 4.32 4.57
N GLY D 50 -3.92 5.58 4.14
CA GLY D 50 -4.72 6.00 3.00
C GLY D 50 -6.20 6.26 3.28
N TRP D 51 -6.65 6.15 4.53
CA TRP D 51 -8.04 6.40 4.94
C TRP D 51 -8.17 7.79 5.54
N THR D 52 -9.29 8.45 5.23
CA THR D 52 -9.67 9.71 5.87
C THR D 52 -10.45 9.44 7.15
N PRO D 53 -10.56 10.46 8.03
CA PRO D 53 -11.51 10.36 9.16
C PRO D 53 -12.90 9.92 8.76
N LEU D 54 -13.43 10.46 7.65
CA LEU D 54 -14.76 10.10 7.19
C LEU D 54 -14.86 8.62 6.79
N HIS D 55 -13.88 8.11 6.03
CA HIS D 55 -13.80 6.67 5.77
C HIS D 55 -13.85 5.85 7.05
N LEU D 56 -12.99 6.18 8.01
CA LEU D 56 -12.93 5.38 9.23
C LEU D 56 -14.26 5.40 9.97
N ALA D 57 -14.82 6.60 10.15
CA ALA D 57 -16.08 6.72 10.89
C ALA D 57 -17.22 6.00 10.18
N CYS D 58 -17.24 6.03 8.84
CA CYS D 58 -18.28 5.33 8.09
C CYS D 58 -18.13 3.81 8.17
N TYR D 59 -16.90 3.30 8.07
CA TYR D 59 -16.70 1.85 8.14
C TYR D 59 -17.01 1.32 9.54
N PHE D 60 -16.56 2.00 10.59
CA PHE D 60 -16.80 1.50 11.94
C PHE D 60 -18.13 2.01 12.53
N GLY D 61 -18.95 2.70 11.74
CA GLY D 61 -20.31 3.05 12.11
C GLY D 61 -20.50 4.06 13.23
N HIS D 62 -19.74 5.16 13.22
CA HIS D 62 -19.83 6.17 14.27
C HIS D 62 -20.63 7.35 13.72
N ARG D 63 -21.94 7.27 13.90
CA ARG D 63 -22.86 8.12 13.15
C ARG D 63 -22.72 9.58 13.54
N GLN D 64 -22.59 9.87 14.84
CA GLN D 64 -22.38 11.24 15.28
C GLN D 64 -21.10 11.83 14.68
N VAL D 65 -20.01 11.05 14.66
CA VAL D 65 -18.76 11.54 14.07
C VAL D 65 -18.95 11.87 12.61
N VAL D 66 -19.60 10.97 11.84
CA VAL D 66 -19.84 11.23 10.43
C VAL D 66 -20.62 12.53 10.25
N GLN D 67 -21.62 12.74 11.12
CA GLN D 67 -22.44 13.94 11.00
C GLN D 67 -21.63 15.20 11.29
N ASP D 68 -20.79 15.18 12.33
CA ASP D 68 -19.98 16.35 12.63
C ASP D 68 -18.92 16.61 11.55
N LEU D 69 -18.31 15.55 11.01
CA LEU D 69 -17.37 15.73 9.90
C LEU D 69 -18.05 16.39 8.69
N LEU D 70 -19.24 15.90 8.32
CA LEU D 70 -19.90 16.43 7.12
C LEU D 70 -20.35 17.86 7.34
N LYS D 71 -20.92 18.13 8.52
CA LYS D 71 -21.29 19.49 8.91
C LYS D 71 -20.09 20.43 8.85
N ALA D 72 -18.92 19.96 9.28
CA ALA D 72 -17.74 20.81 9.27
C ALA D 72 -17.16 20.99 7.87
N GLY D 73 -17.72 20.34 6.86
CA GLY D 73 -17.28 20.50 5.48
C GLY D 73 -16.36 19.41 4.92
N ALA D 74 -16.30 18.22 5.53
CA ALA D 74 -15.46 17.16 5.01
C ALA D 74 -15.89 16.77 3.60
N GLU D 75 -14.92 16.53 2.73
CA GLU D 75 -15.21 16.13 1.36
C GLU D 75 -15.87 14.75 1.34
N VAL D 76 -17.06 14.67 0.75
CA VAL D 76 -17.85 13.45 0.83
C VAL D 76 -17.36 12.39 -0.15
N ASN D 77 -16.75 12.78 -1.27
CA ASN D 77 -16.30 11.81 -2.28
C ASN D 77 -14.82 11.47 -2.17
N VAL D 78 -14.21 11.55 -0.98
CA VAL D 78 -12.81 11.12 -0.83
C VAL D 78 -12.67 9.63 -1.19
N LEU D 79 -11.50 9.25 -1.69
CA LEU D 79 -11.15 7.87 -2.01
C LEU D 79 -10.01 7.39 -1.11
N ASN D 80 -10.03 6.10 -0.79
CA ASN D 80 -8.88 5.49 -0.16
C ASN D 80 -8.10 4.67 -1.21
N ASP D 81 -7.14 3.86 -0.77
CA ASP D 81 -6.27 3.16 -1.72
C ASP D 81 -6.98 2.05 -2.49
N MET D 82 -8.15 1.62 -2.02
CA MET D 82 -8.97 0.66 -2.75
C MET D 82 -9.94 1.34 -3.71
N GLY D 83 -9.90 2.67 -3.80
CA GLY D 83 -10.88 3.37 -4.61
C GLY D 83 -12.25 3.49 -3.98
N ASP D 84 -12.39 3.13 -2.70
CA ASP D 84 -13.67 3.24 -2.01
C ASP D 84 -13.93 4.66 -1.54
N THR D 85 -15.15 5.16 -1.78
CA THR D 85 -15.66 6.33 -1.10
C THR D 85 -16.14 5.94 0.30
N PRO D 86 -16.44 6.93 1.15
CA PRO D 86 -17.11 6.60 2.42
C PRO D 86 -18.47 5.94 2.21
N LEU D 87 -19.14 6.25 1.10
CA LEU D 87 -20.40 5.58 0.77
C LEU D 87 -20.19 4.09 0.57
N HIS D 88 -19.12 3.73 -0.15
CA HIS D 88 -18.74 2.31 -0.29
C HIS D 88 -18.63 1.63 1.05
N ARG D 89 -17.87 2.26 1.98
CA ARG D 89 -17.65 1.67 3.29
C ARG D 89 -18.96 1.51 4.04
N ALA D 90 -19.84 2.52 3.98
CA ALA D 90 -21.11 2.48 4.68
C ALA D 90 -22.06 1.45 4.07
N ALA D 91 -22.18 1.45 2.74
CA ALA D 91 -22.99 0.44 2.06
C ALA D 91 -22.49 -0.97 2.36
N PHE D 92 -21.17 -1.15 2.34
CA PHE D 92 -20.60 -2.48 2.51
C PHE D 92 -20.90 -3.04 3.89
N THR D 93 -20.85 -2.21 4.92
CA THR D 93 -21.15 -2.66 6.28
C THR D 93 -22.63 -2.51 6.61
N GLY D 94 -23.47 -2.22 5.61
CA GLY D 94 -24.92 -2.21 5.80
C GLY D 94 -25.41 -1.18 6.79
N ARG D 95 -24.86 0.04 6.76
CA ARG D 95 -25.24 1.10 7.71
C ARG D 95 -26.19 2.06 6.98
N LYS D 96 -27.48 1.76 7.09
CA LYS D 96 -28.51 2.46 6.31
C LYS D 96 -28.56 3.94 6.66
N GLU D 97 -28.55 4.26 7.96
CA GLU D 97 -28.65 5.64 8.39
C GLU D 97 -27.46 6.47 7.88
N LEU D 98 -26.28 5.86 7.81
CA LEU D 98 -25.11 6.57 7.33
C LEU D 98 -25.15 6.74 5.81
N VAL D 99 -25.63 5.72 5.08
CA VAL D 99 -25.81 5.86 3.64
C VAL D 99 -26.74 7.04 3.33
N MET D 100 -27.85 7.13 4.06
CA MET D 100 -28.77 8.26 3.89
C MET D 100 -28.05 9.58 4.13
N LEU D 101 -27.35 9.69 5.26
CA LEU D 101 -26.67 10.93 5.61
C LEU D 101 -25.65 11.33 4.54
N LEU D 102 -24.87 10.37 4.05
CA LEU D 102 -23.93 10.66 2.97
C LEU D 102 -24.67 11.11 1.71
N LEU D 103 -25.77 10.44 1.37
CA LEU D 103 -26.55 10.88 0.20
C LEU D 103 -27.03 12.32 0.36
N GLU D 104 -27.46 12.70 1.56
CA GLU D 104 -27.93 14.06 1.77
C GLU D 104 -26.81 15.10 1.68
N TYR D 105 -25.55 14.70 1.88
CA TYR D 105 -24.43 15.59 1.63
C TYR D 105 -23.88 15.43 0.22
N ASN D 106 -24.67 14.85 -0.67
CA ASN D 106 -24.42 14.80 -2.12
C ASN D 106 -23.29 13.84 -2.50
N ALA D 107 -23.19 12.69 -1.82
CA ALA D 107 -22.26 11.65 -2.26
C ALA D 107 -22.57 11.23 -3.69
N ASP D 108 -21.52 11.02 -4.47
CA ASP D 108 -21.66 10.51 -5.83
C ASP D 108 -21.79 9.00 -5.76
N THR D 109 -22.95 8.47 -6.19
CA THR D 109 -23.19 7.03 -6.14
C THR D 109 -22.62 6.31 -7.35
N THR D 110 -22.22 7.04 -8.39
CA THR D 110 -21.72 6.42 -9.61
C THR D 110 -20.24 6.08 -9.55
N ILE D 111 -19.56 6.36 -8.44
CA ILE D 111 -18.11 6.14 -8.38
C ILE D 111 -17.81 4.66 -8.30
N VAL D 112 -16.92 4.20 -9.17
CA VAL D 112 -16.52 2.81 -9.25
C VAL D 112 -15.19 2.66 -8.52
N ASN D 113 -15.12 1.70 -7.59
CA ASN D 113 -13.88 1.51 -6.82
C ASN D 113 -12.84 0.77 -7.67
N GLY D 114 -11.71 0.40 -7.05
CA GLY D 114 -10.64 -0.25 -7.79
C GLY D 114 -10.91 -1.70 -8.14
N SER D 115 -11.92 -2.29 -7.52
CA SER D 115 -12.41 -3.63 -7.88
C SER D 115 -13.49 -3.60 -8.95
N GLY D 116 -13.84 -2.43 -9.49
CA GLY D 116 -14.88 -2.35 -10.49
C GLY D 116 -16.30 -2.22 -9.98
N GLN D 117 -16.51 -1.95 -8.68
CA GLN D 117 -17.84 -1.96 -8.08
C GLN D 117 -18.30 -0.57 -7.62
N THR D 118 -19.60 -0.30 -7.77
CA THR D 118 -20.21 0.86 -7.17
C THR D 118 -20.67 0.55 -5.74
N ALA D 119 -21.02 1.60 -4.99
CA ALA D 119 -21.55 1.38 -3.65
C ALA D 119 -22.78 0.47 -3.67
N LYS D 120 -23.64 0.57 -4.69
CA LYS D 120 -24.78 -0.33 -4.77
C LYS D 120 -24.34 -1.79 -4.83
N GLU D 121 -23.30 -2.07 -5.61
CA GLU D 121 -22.91 -3.45 -5.88
C GLU D 121 -22.08 -4.08 -4.78
N VAL D 122 -21.77 -3.36 -3.69
CA VAL D 122 -21.01 -3.95 -2.59
C VAL D 122 -21.85 -4.20 -1.37
N THR D 123 -23.11 -3.76 -1.35
CA THR D 123 -23.92 -3.93 -0.16
C THR D 123 -24.70 -5.25 -0.22
N HIS D 124 -24.91 -5.87 0.94
CA HIS D 124 -25.79 -7.02 1.05
C HIS D 124 -27.18 -6.65 1.56
N ALA D 125 -27.43 -5.38 1.87
CA ALA D 125 -28.68 -4.95 2.47
C ALA D 125 -29.61 -4.40 1.38
N GLU D 126 -30.80 -5.00 1.26
CA GLU D 126 -31.68 -4.70 0.14
C GLU D 126 -32.23 -3.29 0.23
N GLU D 127 -32.53 -2.81 1.43
CA GLU D 127 -32.98 -1.43 1.55
C GLU D 127 -31.91 -0.46 1.07
N ILE D 128 -30.62 -0.81 1.23
CA ILE D 128 -29.55 0.05 0.74
C ILE D 128 -29.39 -0.11 -0.77
N ARG D 129 -29.47 -1.34 -1.29
CA ARG D 129 -29.24 -1.55 -2.71
C ARG D 129 -30.32 -0.84 -3.56
N SER D 130 -31.59 -1.10 -3.27
CA SER D 130 -32.67 -0.46 -4.03
C SER D 130 -32.57 1.06 -3.95
N MET D 131 -32.43 1.57 -2.72
CA MET D 131 -32.23 2.98 -2.46
C MET D 131 -31.09 3.57 -3.29
N LEU D 132 -29.95 2.89 -3.37
CA LEU D 132 -28.85 3.41 -4.16
C LEU D 132 -29.16 3.36 -5.65
N GLU D 133 -29.88 2.33 -6.10
CA GLU D 133 -30.20 2.25 -7.53
C GLU D 133 -31.15 3.38 -7.94
N ALA D 134 -32.03 3.81 -7.04
CA ALA D 134 -32.85 4.98 -7.33
C ALA D 134 -31.99 6.22 -7.53
N VAL D 135 -31.12 6.51 -6.55
CA VAL D 135 -30.24 7.66 -6.66
C VAL D 135 -29.30 7.52 -7.85
N GLU D 136 -28.70 6.34 -7.99
CA GLU D 136 -27.73 6.11 -9.06
C GLU D 136 -28.34 6.41 -10.43
N ARG D 137 -29.59 5.98 -10.66
CA ARG D 137 -30.26 6.28 -11.91
C ARG D 137 -30.50 7.77 -12.06
N THR D 138 -30.93 8.43 -10.98
CA THR D 138 -31.23 9.86 -11.06
C THR D 138 -29.97 10.69 -11.32
N GLN D 139 -28.80 10.23 -10.87
CA GLN D 139 -27.52 10.91 -11.18
C GLN D 139 -27.00 10.50 -12.56
#